data_7ZSP
#
_entry.id   7ZSP
#
_cell.length_a   142.360
_cell.length_b   142.360
_cell.length_c   163.610
_cell.angle_alpha   90.000
_cell.angle_beta   90.000
_cell.angle_gamma   120.000
#
_symmetry.space_group_name_H-M   'H 3 2'
#
loop_
_entity.id
_entity.type
_entity.pdbx_description
1 polymer 'Purine nucleoside phosphorylase'
2 non-polymer '[(~{E})-2-[2-[(4-oxidanylidene-3,5-dihydropyrrolo[3,2-d]pyrimidin-7-yl)sulfanyl]-6-[2,3,4,5,6-pentakis(fluoranyl)phenoxy]phenyl]ethenyl]phosphonic acid'
3 non-polymer 6-tungstotellurate(VI)
4 non-polymer 'SODIUM ION'
5 water water
#
_entity_poly.entity_id   1
_entity_poly.type   'polypeptide(L)'
_entity_poly.pdbx_seq_one_letter_code
;MENGYTYEDYKNTAEWLLSHTKHRPQVAIICGSGLGGLTDKLTQAQIFDYGEIPNFPRSTVPGHAGRLVFGFLNGRACVM
MQGRFHMYEGYPLWKVTFPVRVFHLLGVDTLVVTNAAGGLNPKFEVGDIMLIRDHINLPGFSGQNPLRGPNDERFGDRFP
AMSDAYDRTMRQRALSTWKQMGEQRELQEGTYVMVAGPSFETVAECRVLQKLGADAVGMSTVPEVIVARHCGLRVFGFSL
ITNKVIMDYESLEKANHEEVLAAGKQAAQKLEQFVSILMASIPLPDKAS
;
_entity_poly.pdbx_strand_id   A
#
loop_
_chem_comp.id
_chem_comp.type
_chem_comp.name
_chem_comp.formula
JT3 non-polymer '[(~{E})-2-[2-[(4-oxidanylidene-3,5-dihydropyrrolo[3,2-d]pyrimidin-7-yl)sulfanyl]-6-[2,3,4,5,6-pentakis(fluoranyl)phenoxy]phenyl]ethenyl]phosphonic acid' 'C20 H11 F5 N3 O5 P S'
NA non-polymer 'SODIUM ION' 'Na 1'
TEW non-polymer 6-tungstotellurate(VI) 'O24 Te W6 -6'
#
# COMPACT_ATOMS: atom_id res chain seq x y z
N GLY A 4 -20.17 3.57 -7.45
CA GLY A 4 -21.08 2.74 -6.59
C GLY A 4 -21.37 3.40 -5.25
N TYR A 5 -20.51 4.30 -4.77
CA TYR A 5 -20.71 5.10 -3.54
C TYR A 5 -20.99 6.56 -3.90
N THR A 6 -21.87 7.20 -3.15
CA THR A 6 -22.16 8.66 -3.21
C THR A 6 -21.20 9.38 -2.25
N TYR A 7 -21.01 10.68 -2.42
CA TYR A 7 -20.19 11.52 -1.51
C TYR A 7 -20.70 11.36 -0.07
N GLU A 8 -22.02 11.31 0.11
CA GLU A 8 -22.65 11.23 1.45
C GLU A 8 -22.40 9.85 2.08
N ASP A 9 -22.03 8.82 1.32
CA ASP A 9 -21.69 7.48 1.87
C ASP A 9 -20.35 7.55 2.60
N TYR A 10 -19.40 8.27 2.02
CA TYR A 10 -18.05 8.43 2.57
C TYR A 10 -18.13 9.29 3.83
N LYS A 11 -18.85 10.41 3.73
CA LYS A 11 -19.08 11.37 4.85
C LYS A 11 -19.75 10.61 6.02
N ASN A 12 -20.82 9.88 5.73
N ASN A 12 -20.83 9.89 5.71
CA ASN A 12 -21.57 9.06 6.72
CA ASN A 12 -21.60 9.02 6.65
C ASN A 12 -20.60 8.08 7.42
C ASN A 12 -20.62 8.08 7.39
N THR A 13 -19.79 7.35 6.65
CA THR A 13 -18.77 6.41 7.22
C THR A 13 -17.78 7.20 8.08
N ALA A 14 -17.29 8.35 7.60
CA ALA A 14 -16.25 9.17 8.29
C ALA A 14 -16.78 9.60 9.67
N GLU A 15 -17.93 10.27 9.68
CA GLU A 15 -18.61 10.80 10.89
C GLU A 15 -18.87 9.66 11.90
N TRP A 16 -19.38 8.52 11.45
CA TRP A 16 -19.58 7.34 12.32
C TRP A 16 -18.26 6.94 12.99
N LEU A 17 -17.15 6.97 12.28
CA LEU A 17 -15.82 6.65 12.86
C LEU A 17 -15.41 7.74 13.87
N LEU A 18 -15.64 9.02 13.54
CA LEU A 18 -15.35 10.17 14.43
C LEU A 18 -16.20 10.08 15.71
N SER A 19 -17.48 9.72 15.59
CA SER A 19 -18.44 9.54 16.72
C SER A 19 -18.01 8.41 17.66
N HIS A 20 -17.17 7.47 17.20
CA HIS A 20 -16.92 6.17 17.89
C HIS A 20 -15.45 6.07 18.31
N THR A 21 -14.65 7.09 18.04
CA THR A 21 -13.25 7.19 18.52
C THR A 21 -12.96 8.66 18.83
N LYS A 22 -12.13 8.92 19.83
CA LYS A 22 -11.64 10.30 20.13
C LYS A 22 -10.34 10.50 19.34
N HIS A 23 -9.76 9.41 18.85
CA HIS A 23 -8.57 9.43 17.96
C HIS A 23 -8.89 10.26 16.70
N ARG A 24 -8.00 11.18 16.34
CA ARG A 24 -8.10 12.01 15.11
C ARG A 24 -6.82 11.79 14.32
N PRO A 25 -6.82 10.86 13.34
CA PRO A 25 -5.60 10.40 12.70
C PRO A 25 -5.11 11.41 11.67
N GLN A 26 -3.79 11.45 11.48
CA GLN A 26 -3.08 12.34 10.52
C GLN A 26 -2.50 11.48 9.39
N VAL A 27 -2.01 10.29 9.73
CA VAL A 27 -1.31 9.34 8.83
C VAL A 27 -2.14 8.06 8.72
N ALA A 28 -2.45 7.66 7.49
CA ALA A 28 -3.05 6.35 7.15
C ALA A 28 -1.93 5.41 6.76
N ILE A 29 -1.92 4.20 7.30
CA ILE A 29 -0.92 3.17 6.92
C ILE A 29 -1.69 1.94 6.42
N ILE A 30 -1.33 1.45 5.25
CA ILE A 30 -1.93 0.24 4.66
C ILE A 30 -0.84 -0.81 4.69
N CYS A 31 -1.01 -1.82 5.54
CA CYS A 31 -0.02 -2.89 5.75
C CYS A 31 -0.18 -3.96 4.67
N GLY A 32 0.91 -4.32 3.98
CA GLY A 32 0.96 -5.46 3.03
C GLY A 32 0.78 -6.79 3.73
N SER A 33 0.65 -7.88 2.97
CA SER A 33 0.46 -9.28 3.46
C SER A 33 1.56 -9.69 4.43
N GLY A 34 1.24 -9.80 5.74
CA GLY A 34 2.14 -10.25 6.81
C GLY A 34 3.21 -9.22 7.16
N LEU A 35 2.88 -7.93 7.08
CA LEU A 35 3.68 -6.79 7.62
C LEU A 35 2.80 -6.04 8.64
N GLY A 36 1.77 -6.74 9.14
CA GLY A 36 0.61 -6.17 9.85
C GLY A 36 0.68 -6.42 11.35
N GLY A 37 1.77 -7.04 11.83
CA GLY A 37 2.15 -7.06 13.26
C GLY A 37 2.35 -5.66 13.81
N LEU A 38 2.59 -4.68 12.91
CA LEU A 38 2.87 -3.25 13.23
C LEU A 38 1.75 -2.63 14.06
N THR A 39 0.56 -3.23 14.12
CA THR A 39 -0.55 -2.77 15.00
C THR A 39 -0.14 -2.95 16.47
N ASP A 40 0.81 -3.86 16.74
CA ASP A 40 1.26 -4.19 18.12
C ASP A 40 2.13 -3.05 18.67
N LYS A 41 2.71 -2.20 17.80
CA LYS A 41 3.53 -1.03 18.19
C LYS A 41 2.65 0.19 18.48
N LEU A 42 1.36 0.18 18.13
CA LEU A 42 0.46 1.31 18.42
C LEU A 42 0.26 1.39 19.93
N THR A 43 -0.14 2.56 20.43
CA THR A 43 -0.46 2.83 21.85
C THR A 43 -1.84 3.47 21.87
N GLN A 44 -2.62 3.22 22.93
CA GLN A 44 -4.06 3.57 22.96
C GLN A 44 -4.76 2.99 21.73
N ALA A 45 -4.39 1.78 21.31
CA ALA A 45 -4.95 1.08 20.13
C ALA A 45 -6.46 0.89 20.32
N GLN A 46 -7.26 1.40 19.38
CA GLN A 46 -8.72 1.14 19.30
C GLN A 46 -9.01 0.45 17.96
N ILE A 47 -9.61 -0.75 18.00
CA ILE A 47 -9.80 -1.66 16.85
C ILE A 47 -11.26 -1.59 16.38
N PHE A 48 -11.49 -1.47 15.07
CA PHE A 48 -12.80 -1.69 14.40
C PHE A 48 -12.64 -2.72 13.28
N ASP A 49 -13.33 -3.85 13.41
CA ASP A 49 -13.54 -4.84 12.32
C ASP A 49 -14.30 -4.15 11.18
N TYR A 50 -13.94 -4.45 9.93
CA TYR A 50 -14.56 -3.81 8.73
C TYR A 50 -16.09 -3.97 8.78
N GLY A 51 -16.56 -5.16 9.16
CA GLY A 51 -18.00 -5.49 9.29
C GLY A 51 -18.78 -4.51 10.15
N GLU A 52 -18.13 -3.90 11.15
CA GLU A 52 -18.77 -2.99 12.14
C GLU A 52 -18.96 -1.59 11.54
N ILE A 53 -18.20 -1.28 10.49
CA ILE A 53 -18.12 0.10 9.92
C ILE A 53 -19.11 0.19 8.77
N PRO A 54 -20.12 1.08 8.82
CA PRO A 54 -21.02 1.31 7.69
C PRO A 54 -20.28 1.42 6.35
N ASN A 55 -20.90 0.87 5.29
CA ASN A 55 -20.53 1.00 3.86
C ASN A 55 -19.15 0.39 3.60
N PHE A 56 -18.50 -0.18 4.61
CA PHE A 56 -17.09 -0.62 4.52
C PHE A 56 -17.09 -2.05 3.97
N PRO A 57 -16.44 -2.32 2.82
CA PRO A 57 -16.41 -3.68 2.28
C PRO A 57 -15.92 -4.66 3.35
N ARG A 58 -16.59 -5.80 3.51
CA ARG A 58 -16.11 -6.92 4.36
C ARG A 58 -15.06 -7.71 3.55
N SER A 59 -14.01 -8.21 4.20
CA SER A 59 -12.96 -9.05 3.56
C SER A 59 -13.54 -10.42 3.20
N THR A 60 -12.95 -11.11 2.22
CA THR A 60 -13.37 -12.45 1.71
C THR A 60 -12.50 -13.54 2.36
N VAL A 61 -11.24 -13.20 2.71
CA VAL A 61 -10.22 -14.13 3.29
C VAL A 61 -10.78 -14.65 4.62
N PRO A 62 -11.11 -15.95 4.73
CA PRO A 62 -11.68 -16.49 5.98
C PRO A 62 -10.67 -16.49 7.14
N GLY A 63 -9.39 -16.79 6.84
CA GLY A 63 -8.30 -16.92 7.82
C GLY A 63 -8.11 -15.66 8.65
N HIS A 64 -8.00 -14.50 8.00
CA HIS A 64 -7.76 -13.17 8.64
C HIS A 64 -8.72 -12.13 8.06
N ALA A 65 -9.72 -11.71 8.85
CA ALA A 65 -10.67 -10.60 8.54
C ALA A 65 -10.03 -9.27 8.95
N GLY A 66 -10.15 -8.25 8.10
CA GLY A 66 -9.41 -7.00 8.21
C GLY A 66 -10.00 -6.08 9.25
N ARG A 67 -9.28 -5.01 9.59
CA ARG A 67 -9.72 -4.06 10.65
C ARG A 67 -8.94 -2.76 10.51
N LEU A 68 -9.57 -1.67 10.90
CA LEU A 68 -8.88 -0.39 11.18
C LEU A 68 -8.42 -0.43 12.63
N VAL A 69 -7.17 -0.09 12.86
CA VAL A 69 -6.63 0.16 14.23
C VAL A 69 -6.20 1.62 14.27
N PHE A 70 -6.90 2.43 15.06
CA PHE A 70 -6.52 3.81 15.42
C PHE A 70 -5.61 3.76 16.66
N GLY A 71 -4.56 4.58 16.67
CA GLY A 71 -3.57 4.62 17.75
C GLY A 71 -2.51 5.67 17.52
N PHE A 72 -1.49 5.67 18.39
CA PHE A 72 -0.28 6.53 18.23
C PHE A 72 0.88 5.62 17.86
N LEU A 73 1.58 5.94 16.79
CA LEU A 73 2.87 5.30 16.43
C LEU A 73 3.91 6.42 16.49
N ASN A 74 4.80 6.34 17.48
CA ASN A 74 6.03 7.17 17.56
C ASN A 74 5.67 8.65 17.40
N GLY A 75 4.62 9.11 18.09
CA GLY A 75 4.21 10.53 18.12
C GLY A 75 3.08 10.86 17.17
N ARG A 76 2.89 10.08 16.09
CA ARG A 76 1.86 10.39 15.07
C ARG A 76 0.56 9.63 15.38
N ALA A 77 -0.55 10.36 15.34
CA ALA A 77 -1.95 9.87 15.36
C ALA A 77 -2.23 9.11 14.05
N CYS A 78 -2.25 7.78 14.11
CA CYS A 78 -2.32 6.87 12.95
C CYS A 78 -3.69 6.17 12.86
N VAL A 79 -4.13 5.88 11.63
CA VAL A 79 -5.10 4.78 11.35
C VAL A 79 -4.39 3.74 10.48
N MET A 80 -4.39 2.49 10.93
CA MET A 80 -3.79 1.37 10.19
C MET A 80 -4.90 0.45 9.61
N MET A 81 -4.73 0.10 8.35
CA MET A 81 -5.54 -0.89 7.63
C MET A 81 -4.77 -2.20 7.63
N GLN A 82 -5.26 -3.18 8.38
CA GLN A 82 -4.72 -4.55 8.40
C GLN A 82 -5.72 -5.45 7.64
N GLY A 83 -5.27 -6.05 6.54
CA GLY A 83 -6.15 -6.67 5.54
C GLY A 83 -6.63 -5.62 4.56
N ARG A 84 -6.17 -5.70 3.32
CA ARG A 84 -6.48 -4.72 2.25
C ARG A 84 -7.18 -5.47 1.13
N PHE A 85 -7.84 -4.76 0.21
CA PHE A 85 -8.60 -5.32 -0.93
C PHE A 85 -7.72 -5.33 -2.19
N HIS A 86 -7.92 -6.35 -3.03
CA HIS A 86 -7.20 -6.60 -4.31
C HIS A 86 -8.21 -6.83 -5.44
N MET A 87 -7.91 -6.38 -6.66
CA MET A 87 -8.71 -6.69 -7.87
C MET A 87 -8.97 -8.20 -7.96
N TYR A 88 -7.95 -9.03 -7.75
CA TYR A 88 -8.06 -10.50 -7.99
C TYR A 88 -9.16 -11.14 -7.12
N GLU A 89 -9.58 -10.53 -6.01
CA GLU A 89 -10.64 -11.07 -5.12
C GLU A 89 -12.01 -10.80 -5.76
N GLY A 90 -12.06 -9.91 -6.76
CA GLY A 90 -13.28 -9.56 -7.49
C GLY A 90 -13.89 -8.23 -7.06
N TYR A 91 -13.26 -7.48 -6.16
CA TYR A 91 -13.70 -6.11 -5.82
C TYR A 91 -13.48 -5.19 -7.02
N PRO A 92 -14.50 -4.40 -7.42
CA PRO A 92 -14.26 -3.27 -8.30
C PRO A 92 -13.35 -2.24 -7.58
N LEU A 93 -12.57 -1.48 -8.35
CA LEU A 93 -11.57 -0.54 -7.76
C LEU A 93 -12.24 0.55 -6.91
N TRP A 94 -13.52 0.86 -7.11
CA TRP A 94 -14.20 1.88 -6.26
C TRP A 94 -14.43 1.30 -4.85
N LYS A 95 -14.33 -0.02 -4.65
CA LYS A 95 -14.43 -0.64 -3.29
C LYS A 95 -13.04 -0.76 -2.68
N VAL A 96 -12.08 -1.26 -3.45
CA VAL A 96 -10.64 -1.37 -3.09
C VAL A 96 -10.18 -0.04 -2.45
N THR A 97 -10.52 1.09 -3.06
CA THR A 97 -9.98 2.43 -2.70
C THR A 97 -11.00 3.22 -1.87
N PHE A 98 -12.08 2.59 -1.41
CA PHE A 98 -13.11 3.24 -0.57
C PHE A 98 -12.47 3.77 0.72
N PRO A 99 -11.63 2.99 1.42
CA PRO A 99 -10.98 3.47 2.64
C PRO A 99 -10.22 4.80 2.48
N VAL A 100 -9.47 4.93 1.38
CA VAL A 100 -8.57 6.11 1.17
C VAL A 100 -9.41 7.40 1.21
N ARG A 101 -10.61 7.39 0.66
CA ARG A 101 -11.49 8.59 0.65
C ARG A 101 -12.04 8.86 2.06
N VAL A 102 -12.27 7.80 2.85
CA VAL A 102 -12.76 7.92 4.26
C VAL A 102 -11.65 8.58 5.11
N PHE A 103 -10.43 8.05 5.05
CA PHE A 103 -9.20 8.63 5.66
C PHE A 103 -9.15 10.15 5.42
N HIS A 104 -9.23 10.59 4.16
CA HIS A 104 -9.22 12.02 3.79
C HIS A 104 -10.25 12.76 4.64
N LEU A 105 -11.48 12.25 4.75
CA LEU A 105 -12.62 12.94 5.43
C LEU A 105 -12.47 12.84 6.95
N LEU A 106 -11.66 11.91 7.46
CA LEU A 106 -11.25 11.84 8.88
C LEU A 106 -10.26 12.98 9.20
N GLY A 107 -9.67 13.60 8.17
CA GLY A 107 -8.59 14.61 8.29
C GLY A 107 -7.20 14.04 8.00
N VAL A 108 -7.05 12.77 7.60
CA VAL A 108 -5.71 12.21 7.23
C VAL A 108 -5.14 13.04 6.09
N ASP A 109 -3.85 13.41 6.16
CA ASP A 109 -3.16 14.21 5.11
C ASP A 109 -1.99 13.42 4.51
N THR A 110 -1.65 12.26 5.05
CA THR A 110 -0.51 11.45 4.56
C THR A 110 -0.94 9.98 4.47
N LEU A 111 -0.56 9.29 3.39
CA LEU A 111 -0.78 7.83 3.23
C LEU A 111 0.57 7.14 3.09
N VAL A 112 0.83 6.15 3.93
CA VAL A 112 1.96 5.21 3.77
C VAL A 112 1.35 3.89 3.30
N VAL A 113 1.80 3.38 2.16
CA VAL A 113 1.32 2.12 1.54
C VAL A 113 2.49 1.18 1.52
N THR A 114 2.31 -0.07 1.95
CA THR A 114 3.36 -1.11 1.87
C THR A 114 2.76 -2.33 1.17
N ASN A 115 3.59 -3.14 0.53
CA ASN A 115 3.16 -4.33 -0.24
C ASN A 115 4.34 -5.30 -0.28
N ALA A 116 4.06 -6.55 -0.65
CA ALA A 116 5.06 -7.52 -1.14
C ALA A 116 5.20 -7.36 -2.65
N ALA A 117 6.31 -7.79 -3.23
CA ALA A 117 6.55 -7.67 -4.68
C ALA A 117 7.64 -8.64 -5.10
N GLY A 118 7.56 -9.12 -6.34
CA GLY A 118 8.63 -9.89 -7.00
C GLY A 118 9.67 -8.96 -7.58
N GLY A 119 10.94 -9.33 -7.44
CA GLY A 119 12.06 -8.56 -7.99
C GLY A 119 12.25 -8.85 -9.46
N LEU A 120 12.21 -7.80 -10.28
CA LEU A 120 12.45 -7.82 -11.74
C LEU A 120 13.87 -7.31 -11.99
N ASN A 121 14.29 -6.28 -11.27
CA ASN A 121 15.69 -5.78 -11.23
C ASN A 121 16.62 -6.90 -10.74
N PRO A 122 17.63 -7.32 -11.52
CA PRO A 122 18.50 -8.42 -11.11
C PRO A 122 19.27 -8.14 -9.81
N LYS A 123 19.57 -6.86 -9.53
CA LYS A 123 20.38 -6.43 -8.35
C LYS A 123 19.62 -6.70 -7.05
N PHE A 124 18.28 -6.80 -7.09
CA PHE A 124 17.42 -6.95 -5.88
C PHE A 124 17.60 -8.36 -5.32
N GLU A 125 17.47 -8.52 -4.00
CA GLU A 125 17.61 -9.83 -3.31
C GLU A 125 16.39 -10.03 -2.42
N VAL A 126 16.00 -11.28 -2.18
CA VAL A 126 14.91 -11.60 -1.22
C VAL A 126 15.24 -10.89 0.10
N GLY A 127 14.29 -10.12 0.61
CA GLY A 127 14.37 -9.46 1.92
C GLY A 127 14.66 -7.99 1.76
N ASP A 128 15.09 -7.57 0.57
CA ASP A 128 15.33 -6.15 0.27
C ASP A 128 14.06 -5.34 0.47
N ILE A 129 14.24 -4.05 0.77
CA ILE A 129 13.15 -3.05 0.76
C ILE A 129 13.43 -2.12 -0.42
N MET A 130 12.45 -1.99 -1.31
CA MET A 130 12.47 -0.99 -2.41
C MET A 130 11.47 0.11 -2.10
N LEU A 131 11.95 1.35 -1.92
CA LEU A 131 11.10 2.56 -1.91
C LEU A 131 10.49 2.70 -3.31
N ILE A 132 9.25 3.19 -3.38
CA ILE A 132 8.56 3.36 -4.68
C ILE A 132 8.79 4.82 -5.09
N ARG A 133 9.59 5.01 -6.15
CA ARG A 133 9.84 6.33 -6.81
C ARG A 133 8.70 6.60 -7.78
N ASP A 134 8.14 5.53 -8.38
CA ASP A 134 7.14 5.63 -9.47
C ASP A 134 6.38 4.30 -9.65
N HIS A 135 5.27 4.32 -10.39
CA HIS A 135 4.52 3.08 -10.76
C HIS A 135 4.21 3.05 -12.25
N ILE A 136 3.94 1.85 -12.75
CA ILE A 136 3.31 1.57 -14.06
C ILE A 136 1.96 0.91 -13.77
N ASN A 137 0.86 1.59 -14.11
CA ASN A 137 -0.54 1.15 -13.87
C ASN A 137 -1.09 0.43 -15.11
N LEU A 138 -0.67 -0.80 -15.35
CA LEU A 138 -1.12 -1.60 -16.52
C LEU A 138 -2.66 -1.69 -16.52
N PRO A 139 -3.35 -2.06 -15.42
CA PRO A 139 -4.81 -2.05 -15.41
C PRO A 139 -5.38 -0.68 -15.84
N GLY A 140 -4.78 0.42 -15.35
CA GLY A 140 -5.23 1.78 -15.67
C GLY A 140 -5.29 2.04 -17.18
N PHE A 141 -4.29 1.60 -17.93
CA PHE A 141 -4.20 1.86 -19.40
C PHE A 141 -5.48 1.38 -20.10
N SER A 142 -6.03 0.25 -19.62
CA SER A 142 -7.12 -0.54 -20.25
C SER A 142 -8.50 -0.11 -19.76
N GLY A 143 -8.58 0.72 -18.71
CA GLY A 143 -9.84 1.24 -18.16
C GLY A 143 -10.02 0.96 -16.68
N GLN A 144 -9.19 0.11 -16.09
CA GLN A 144 -9.25 -0.23 -14.66
C GLN A 144 -8.51 0.84 -13.86
N ASN A 145 -9.12 2.03 -13.80
CA ASN A 145 -8.66 3.19 -13.00
C ASN A 145 -9.74 3.50 -11.98
N PRO A 146 -9.41 3.63 -10.67
CA PRO A 146 -10.44 3.81 -9.66
C PRO A 146 -11.17 5.15 -9.75
N LEU A 147 -10.69 6.08 -10.58
CA LEU A 147 -11.34 7.39 -10.82
C LEU A 147 -12.38 7.30 -11.95
N ARG A 148 -12.42 6.19 -12.69
CA ARG A 148 -13.40 5.98 -13.79
C ARG A 148 -14.82 6.22 -13.25
N GLY A 149 -15.63 6.99 -13.96
CA GLY A 149 -17.00 7.40 -13.58
C GLY A 149 -17.09 8.90 -13.34
N PRO A 150 -18.27 9.41 -12.92
CA PRO A 150 -18.42 10.83 -12.60
C PRO A 150 -17.38 11.30 -11.55
N ASN A 151 -16.76 12.45 -11.76
CA ASN A 151 -15.79 13.03 -10.82
C ASN A 151 -16.53 13.95 -9.84
N ASP A 152 -16.18 13.91 -8.56
CA ASP A 152 -16.71 14.86 -7.54
C ASP A 152 -15.62 15.88 -7.20
N GLU A 153 -15.85 17.14 -7.60
CA GLU A 153 -14.90 18.28 -7.38
C GLU A 153 -14.59 18.41 -5.89
N ARG A 154 -15.47 17.92 -5.00
CA ARG A 154 -15.22 17.97 -3.53
C ARG A 154 -14.05 17.05 -3.16
N PHE A 155 -13.79 15.99 -3.93
CA PHE A 155 -12.61 15.13 -3.74
C PHE A 155 -11.42 15.69 -4.52
N GLY A 156 -11.63 16.16 -5.76
CA GLY A 156 -10.47 16.53 -6.59
C GLY A 156 -10.83 16.76 -8.04
N ASP A 157 -9.82 16.95 -8.88
CA ASP A 157 -10.01 17.32 -10.30
C ASP A 157 -10.45 16.09 -11.10
N ARG A 158 -11.09 16.32 -12.24
CA ARG A 158 -11.39 15.29 -13.27
C ARG A 158 -10.10 14.60 -13.75
N PHE A 159 -8.97 15.32 -13.87
CA PHE A 159 -7.75 14.90 -14.61
C PHE A 159 -6.49 15.14 -13.77
N PRO A 160 -6.34 14.48 -12.60
CA PRO A 160 -5.17 14.73 -11.76
C PRO A 160 -3.91 14.16 -12.41
N ALA A 161 -2.76 14.80 -12.17
CA ALA A 161 -1.43 14.31 -12.59
C ALA A 161 -0.94 13.29 -11.57
N MET A 162 -0.10 12.37 -12.00
CA MET A 162 0.53 11.34 -11.12
C MET A 162 2.06 11.34 -11.26
N SER A 163 2.65 12.21 -12.13
CA SER A 163 4.14 12.30 -12.32
C SER A 163 4.84 12.56 -10.98
N ASP A 164 4.19 13.25 -10.04
CA ASP A 164 4.75 13.60 -8.72
C ASP A 164 4.10 12.77 -7.60
N ALA A 165 3.65 11.55 -7.87
CA ALA A 165 2.76 10.81 -6.94
C ALA A 165 3.50 10.49 -5.63
N TYR A 166 4.75 10.01 -5.71
CA TYR A 166 5.55 9.53 -4.56
C TYR A 166 6.44 10.67 -4.04
N ASP A 167 6.04 11.29 -2.94
CA ASP A 167 6.69 12.48 -2.30
C ASP A 167 8.23 12.39 -2.33
N ARG A 168 8.86 13.35 -3.03
CA ARG A 168 10.34 13.56 -3.07
C ARG A 168 10.88 13.67 -1.63
N THR A 169 10.41 14.65 -0.86
CA THR A 169 10.88 14.89 0.54
C THR A 169 10.92 13.58 1.34
N MET A 170 9.82 12.82 1.36
CA MET A 170 9.71 11.61 2.23
C MET A 170 10.67 10.54 1.73
N ARG A 171 11.00 10.50 0.43
CA ARG A 171 11.91 9.43 -0.07
C ARG A 171 13.32 9.73 0.47
N GLN A 172 13.79 10.97 0.34
CA GLN A 172 15.06 11.46 0.98
C GLN A 172 15.03 11.17 2.48
N ARG A 173 14.03 11.69 3.20
CA ARG A 173 13.93 11.55 4.67
C ARG A 173 13.84 10.07 5.07
N ALA A 174 13.69 9.15 4.12
CA ALA A 174 13.64 7.69 4.37
C ALA A 174 15.01 7.05 4.10
N LEU A 175 15.73 7.52 3.06
CA LEU A 175 17.13 7.10 2.77
C LEU A 175 18.00 7.49 3.97
N SER A 176 17.96 8.77 4.37
CA SER A 176 18.55 9.33 5.62
C SER A 176 18.25 8.40 6.80
N THR A 177 16.97 8.24 7.16
CA THR A 177 16.48 7.39 8.28
C THR A 177 17.11 5.99 8.22
N TRP A 178 17.41 5.47 7.03
CA TRP A 178 17.94 4.09 6.82
C TRP A 178 19.45 4.05 7.14
N LYS A 179 20.19 5.08 6.73
CA LYS A 179 21.58 5.37 7.17
C LYS A 179 21.63 5.36 8.70
N GLN A 180 20.73 6.13 9.35
CA GLN A 180 20.62 6.24 10.84
C GLN A 180 20.25 4.88 11.46
N MET A 181 20.63 3.77 10.83
CA MET A 181 20.52 2.39 11.41
C MET A 181 21.73 1.60 10.90
N GLY A 182 21.95 0.39 11.44
CA GLY A 182 23.17 -0.40 11.19
C GLY A 182 22.94 -1.46 10.12
N GLU A 183 22.30 -1.10 9.01
CA GLU A 183 21.81 -2.04 7.97
C GLU A 183 22.96 -2.40 7.01
N GLN A 184 23.42 -3.65 7.05
CA GLN A 184 24.41 -4.26 6.12
C GLN A 184 23.97 -3.97 4.67
N ARG A 185 22.73 -4.35 4.35
CA ARG A 185 22.15 -4.31 2.99
C ARG A 185 21.63 -2.88 2.70
N GLU A 186 21.89 -2.36 1.49
CA GLU A 186 21.50 -0.98 1.04
C GLU A 186 20.00 -0.94 0.72
N LEU A 187 19.37 0.23 0.91
CA LEU A 187 17.92 0.46 0.66
C LEU A 187 17.67 0.70 -0.84
N GLN A 188 16.85 -0.13 -1.47
CA GLN A 188 16.62 -0.08 -2.94
C GLN A 188 15.56 1.00 -3.24
N GLU A 189 15.50 1.44 -4.49
CA GLU A 189 14.53 2.46 -4.97
C GLU A 189 14.18 2.11 -6.43
N GLY A 190 12.93 2.28 -6.85
CA GLY A 190 12.53 1.83 -8.20
C GLY A 190 11.06 1.99 -8.52
N THR A 191 10.70 1.49 -9.70
CA THR A 191 9.34 1.51 -10.28
C THR A 191 8.60 0.21 -9.91
N TYR A 192 7.44 0.34 -9.28
CA TYR A 192 6.49 -0.77 -9.04
C TYR A 192 5.48 -0.87 -10.20
N VAL A 193 5.41 -2.02 -10.86
CA VAL A 193 4.34 -2.31 -11.87
C VAL A 193 3.23 -3.10 -11.16
N MET A 194 1.99 -2.59 -11.25
CA MET A 194 0.79 -3.34 -10.82
C MET A 194 0.28 -4.19 -11.98
N VAL A 195 0.08 -5.47 -11.70
CA VAL A 195 -0.71 -6.44 -12.49
C VAL A 195 -1.85 -6.94 -11.61
N ALA A 196 -2.92 -7.44 -12.21
CA ALA A 196 -4.16 -7.81 -11.49
C ALA A 196 -3.96 -9.12 -10.71
N GLY A 197 -3.12 -10.04 -11.20
CA GLY A 197 -3.04 -11.43 -10.70
C GLY A 197 -4.37 -12.15 -10.82
N PRO A 198 -4.67 -13.18 -10.00
CA PRO A 198 -3.83 -13.60 -8.87
C PRO A 198 -2.76 -14.67 -9.19
N SER A 199 -2.66 -15.12 -10.44
CA SER A 199 -1.65 -16.13 -10.86
C SER A 199 -0.32 -15.39 -11.03
N PHE A 200 0.82 -16.10 -10.94
CA PHE A 200 2.17 -15.50 -11.00
C PHE A 200 2.59 -15.47 -12.47
N GLU A 201 3.53 -14.60 -12.80
CA GLU A 201 3.91 -14.29 -14.20
C GLU A 201 4.61 -15.51 -14.79
N THR A 202 4.49 -15.67 -16.12
CA THR A 202 5.34 -16.55 -16.96
C THR A 202 6.70 -15.88 -17.14
N VAL A 203 7.68 -16.61 -17.70
CA VAL A 203 9.03 -16.06 -18.03
C VAL A 203 8.86 -14.96 -19.08
N ALA A 204 8.01 -15.19 -20.09
CA ALA A 204 7.79 -14.23 -21.19
C ALA A 204 7.21 -12.94 -20.58
N GLU A 205 6.29 -13.09 -19.63
CA GLU A 205 5.63 -11.94 -18.95
C GLU A 205 6.70 -11.18 -18.15
N CYS A 206 7.50 -11.88 -17.35
CA CYS A 206 8.59 -11.25 -16.55
CA CYS A 206 8.61 -11.28 -16.55
C CYS A 206 9.48 -10.43 -17.48
N ARG A 207 9.85 -11.00 -18.62
CA ARG A 207 10.71 -10.29 -19.62
C ARG A 207 9.98 -9.03 -20.11
N VAL A 208 8.66 -9.09 -20.29
CA VAL A 208 7.88 -7.91 -20.74
C VAL A 208 8.04 -6.81 -19.71
N LEU A 209 7.85 -7.14 -18.44
CA LEU A 209 7.80 -6.17 -17.32
C LEU A 209 9.18 -5.57 -17.09
N GLN A 210 10.25 -6.33 -17.32
CA GLN A 210 11.66 -5.86 -17.29
C GLN A 210 11.88 -4.82 -18.41
N LYS A 211 11.48 -5.16 -19.65
CA LYS A 211 11.60 -4.28 -20.85
C LYS A 211 10.79 -2.99 -20.68
N LEU A 212 9.68 -3.00 -19.94
CA LEU A 212 8.84 -1.78 -19.76
C LEU A 212 9.51 -0.88 -18.71
N GLY A 213 10.48 -1.40 -17.96
CA GLY A 213 11.31 -0.65 -17.02
C GLY A 213 10.85 -0.76 -15.58
N ALA A 214 10.11 -1.80 -15.21
CA ALA A 214 9.66 -2.05 -13.82
C ALA A 214 10.78 -2.75 -13.05
N ASP A 215 10.92 -2.43 -11.77
CA ASP A 215 11.93 -3.03 -10.86
C ASP A 215 11.27 -4.11 -10.00
N ALA A 216 10.01 -3.89 -9.63
CA ALA A 216 9.22 -4.79 -8.76
C ALA A 216 7.82 -4.97 -9.36
N VAL A 217 7.20 -6.13 -9.17
CA VAL A 217 5.80 -6.41 -9.63
C VAL A 217 4.95 -6.89 -8.45
N GLY A 218 3.76 -6.31 -8.31
CA GLY A 218 2.77 -6.71 -7.28
C GLY A 218 1.35 -6.54 -7.80
N MET A 219 0.36 -6.77 -6.91
CA MET A 219 -1.08 -6.90 -7.26
C MET A 219 -1.92 -5.91 -6.47
N SER A 220 -1.34 -4.79 -6.00
CA SER A 220 -2.04 -3.82 -5.13
C SER A 220 -1.52 -2.38 -5.35
N THR A 221 -1.90 -1.47 -4.45
CA THR A 221 -1.17 -0.22 -4.09
C THR A 221 -1.50 0.90 -5.08
N VAL A 222 -1.30 0.66 -6.37
CA VAL A 222 -1.45 1.72 -7.41
C VAL A 222 -2.83 2.36 -7.33
N PRO A 223 -3.96 1.60 -7.22
CA PRO A 223 -5.27 2.24 -7.13
C PRO A 223 -5.40 3.16 -5.90
N GLU A 224 -4.91 2.70 -4.75
CA GLU A 224 -4.95 3.50 -3.50
C GLU A 224 -4.15 4.79 -3.68
N VAL A 225 -2.96 4.69 -4.28
CA VAL A 225 -2.07 5.85 -4.55
C VAL A 225 -2.82 6.86 -5.43
N ILE A 226 -3.50 6.40 -6.49
CA ILE A 226 -4.18 7.34 -7.43
C ILE A 226 -5.27 8.10 -6.67
N VAL A 227 -6.05 7.40 -5.85
CA VAL A 227 -7.21 8.03 -5.16
C VAL A 227 -6.68 8.96 -4.06
N ALA A 228 -5.62 8.58 -3.36
CA ALA A 228 -4.92 9.41 -2.35
C ALA A 228 -4.49 10.73 -3.00
N ARG A 229 -3.69 10.65 -4.07
CA ARG A 229 -3.25 11.85 -4.83
C ARG A 229 -4.47 12.62 -5.32
N HIS A 230 -5.50 11.96 -5.84
CA HIS A 230 -6.70 12.64 -6.36
C HIS A 230 -7.24 13.61 -5.29
N CYS A 231 -7.24 13.25 -4.03
CA CYS A 231 -7.84 14.13 -2.99
C CYS A 231 -6.76 14.82 -2.15
N GLY A 232 -5.49 14.72 -2.56
CA GLY A 232 -4.43 15.66 -2.15
C GLY A 232 -3.60 15.15 -0.98
N LEU A 233 -3.66 13.85 -0.66
CA LEU A 233 -2.83 13.27 0.42
C LEU A 233 -1.38 13.25 -0.08
N ARG A 234 -0.43 13.38 0.84
CA ARG A 234 0.99 13.09 0.57
C ARG A 234 1.12 11.57 0.63
N VAL A 235 1.91 11.00 -0.26
CA VAL A 235 2.00 9.53 -0.43
C VAL A 235 3.46 9.14 -0.35
N PHE A 236 3.75 8.15 0.48
CA PHE A 236 5.04 7.43 0.56
C PHE A 236 4.72 5.94 0.54
N GLY A 237 5.58 5.13 -0.09
CA GLY A 237 5.41 3.68 -0.02
C GLY A 237 6.68 2.91 -0.33
N PHE A 238 6.68 1.61 -0.02
CA PHE A 238 7.77 0.69 -0.38
C PHE A 238 7.24 -0.73 -0.53
N SER A 239 8.07 -1.56 -1.15
CA SER A 239 7.86 -3.00 -1.42
C SER A 239 8.89 -3.81 -0.63
N LEU A 240 8.43 -4.87 0.03
CA LEU A 240 9.31 -5.97 0.51
C LEU A 240 9.49 -6.97 -0.63
N ILE A 241 10.69 -7.10 -1.19
CA ILE A 241 11.02 -8.09 -2.25
C ILE A 241 10.97 -9.49 -1.62
N THR A 242 9.96 -10.30 -1.96
CA THR A 242 9.69 -11.62 -1.33
C THR A 242 10.27 -12.76 -2.15
N ASN A 243 10.74 -12.47 -3.36
CA ASN A 243 11.08 -13.50 -4.36
C ASN A 243 11.66 -12.79 -5.57
N LYS A 244 12.53 -13.48 -6.32
CA LYS A 244 13.10 -13.04 -7.60
C LYS A 244 12.31 -13.72 -8.72
N VAL A 245 11.65 -12.96 -9.57
CA VAL A 245 10.71 -13.55 -10.58
CA VAL A 245 10.72 -13.52 -10.60
C VAL A 245 11.56 -14.41 -11.53
N ILE A 246 11.10 -15.62 -11.83
CA ILE A 246 11.81 -16.55 -12.75
C ILE A 246 11.89 -15.87 -14.13
N MET A 247 13.09 -15.54 -14.62
CA MET A 247 13.31 -14.82 -15.90
C MET A 247 13.97 -15.70 -16.96
N ASP A 248 14.07 -17.04 -16.76
CA ASP A 248 14.66 -17.96 -17.76
C ASP A 248 14.03 -19.35 -17.65
N TYR A 249 14.10 -20.16 -18.73
CA TYR A 249 13.38 -21.44 -18.84
C TYR A 249 14.21 -22.60 -18.25
N GLU A 250 15.47 -22.37 -17.88
CA GLU A 250 16.33 -23.40 -17.24
C GLU A 250 15.81 -23.70 -15.83
N SER A 251 15.57 -22.65 -15.02
CA SER A 251 15.22 -22.74 -13.59
C SER A 251 14.07 -23.74 -13.36
N LEU A 252 14.08 -24.45 -12.22
CA LEU A 252 13.02 -25.39 -11.78
C LEU A 252 12.36 -24.83 -10.51
N GLU A 253 12.63 -23.57 -10.18
CA GLU A 253 11.97 -22.88 -9.03
C GLU A 253 10.70 -22.20 -9.54
N LYS A 254 9.66 -22.18 -8.70
CA LYS A 254 8.32 -21.60 -8.99
C LYS A 254 7.93 -20.64 -7.87
N ALA A 255 7.41 -19.47 -8.20
CA ALA A 255 6.88 -18.50 -7.20
C ALA A 255 5.72 -19.18 -6.46
N ASN A 256 5.56 -18.89 -5.17
CA ASN A 256 4.48 -19.43 -4.32
C ASN A 256 4.22 -18.43 -3.20
N HIS A 257 3.01 -18.43 -2.64
CA HIS A 257 2.57 -17.47 -1.59
C HIS A 257 3.27 -17.83 -0.27
N GLU A 258 3.80 -19.05 -0.13
CA GLU A 258 4.55 -19.51 1.08
C GLU A 258 5.83 -18.68 1.20
N GLU A 259 6.64 -18.63 0.13
CA GLU A 259 7.76 -17.67 -0.06
C GLU A 259 7.39 -16.29 0.48
N VAL A 260 6.25 -15.76 0.02
CA VAL A 260 5.80 -14.35 0.30
C VAL A 260 5.60 -14.23 1.82
N LEU A 261 4.81 -15.11 2.43
CA LEU A 261 4.59 -15.16 3.91
C LEU A 261 5.93 -15.24 4.64
N ALA A 262 6.78 -16.22 4.30
CA ALA A 262 8.08 -16.52 4.93
C ALA A 262 8.95 -15.26 4.99
N ALA A 263 9.22 -14.64 3.83
CA ALA A 263 9.98 -13.38 3.68
C ALA A 263 9.35 -12.31 4.58
N GLY A 264 8.02 -12.34 4.69
CA GLY A 264 7.22 -11.42 5.51
C GLY A 264 7.50 -11.58 6.99
N LYS A 265 7.67 -12.82 7.48
CA LYS A 265 8.00 -13.12 8.90
C LYS A 265 9.44 -12.67 9.20
N GLN A 266 10.37 -12.90 8.29
CA GLN A 266 11.82 -12.55 8.47
C GLN A 266 11.94 -11.02 8.57
N ALA A 267 11.34 -10.28 7.64
CA ALA A 267 11.47 -8.80 7.53
C ALA A 267 10.58 -8.08 8.55
N ALA A 268 9.84 -8.83 9.38
CA ALA A 268 8.83 -8.27 10.31
C ALA A 268 9.48 -7.20 11.20
N GLN A 269 10.45 -7.57 12.04
CA GLN A 269 11.06 -6.66 13.03
C GLN A 269 11.65 -5.43 12.31
N LYS A 270 12.41 -5.65 11.23
CA LYS A 270 13.05 -4.58 10.41
C LYS A 270 12.01 -3.56 9.95
N LEU A 271 10.82 -4.01 9.55
CA LEU A 271 9.79 -3.15 8.90
C LEU A 271 9.02 -2.35 9.96
N GLU A 272 8.68 -2.99 11.07
CA GLU A 272 8.01 -2.31 12.22
C GLU A 272 8.91 -1.13 12.62
N GLN A 273 10.22 -1.38 12.74
CA GLN A 273 11.24 -0.39 13.16
C GLN A 273 11.26 0.75 12.13
N PHE A 274 11.53 0.42 10.87
CA PHE A 274 11.66 1.38 9.76
C PHE A 274 10.44 2.32 9.74
N VAL A 275 9.23 1.77 9.83
CA VAL A 275 7.98 2.56 9.64
C VAL A 275 7.73 3.40 10.92
N SER A 276 7.99 2.86 12.11
CA SER A 276 7.91 3.59 13.40
C SER A 276 8.80 4.85 13.34
N ILE A 277 10.07 4.68 12.98
CA ILE A 277 11.05 5.82 12.99
C ILE A 277 10.58 6.86 11.95
N LEU A 278 10.11 6.40 10.79
CA LEU A 278 9.67 7.29 9.68
C LEU A 278 8.57 8.26 10.14
N MET A 279 7.75 7.88 11.12
CA MET A 279 6.64 8.74 11.61
C MET A 279 7.19 10.13 11.96
N ALA A 280 8.38 10.19 12.59
CA ALA A 280 9.03 11.41 13.13
C ALA A 280 9.38 12.39 11.98
N SER A 281 9.65 11.86 10.79
CA SER A 281 9.99 12.61 9.56
C SER A 281 8.74 13.14 8.86
N ILE A 282 7.54 12.68 9.22
CA ILE A 282 6.29 13.20 8.60
C ILE A 282 5.96 14.51 9.29
N PRO A 283 5.83 15.63 8.52
CA PRO A 283 5.41 16.91 9.09
C PRO A 283 4.08 16.85 9.84
N LEU A 284 3.57 18.01 10.29
CA LEU A 284 2.30 18.15 11.05
C LEU A 284 1.41 19.20 10.38
N1 JT3 B . 4.48 -11.45 -8.90
N3 JT3 B . 5.60 -11.60 -5.41
C4 JT3 B . 5.04 -11.43 -6.64
C5 JT3 B . 3.73 -10.46 -5.09
C6 JT3 B . 4.81 -11.03 -4.45
C7 JT3 B . 1.57 -11.03 -3.57
C8 JT3 B . 0.99 -10.92 -2.31
C10 JT3 B . 0.33 -13.23 -2.40
C13 JT3 B . 0.95 -9.65 -1.59
C15 JT3 B . -0.94 -12.76 0.16
C17 JT3 B . -1.19 -14.84 1.33
C20 JT3 B . -2.27 -12.51 0.36
C1 JT3 B . 5.42 -11.84 -7.95
C2 JT3 B . 3.36 -10.76 -8.63
N2 JT3 B . 3.00 -10.40 -7.46
C3 JT3 B . 3.84 -10.73 -6.44
S1 JT3 B . 2.41 -9.65 -4.31
C9 JT3 B . 0.35 -12.02 -1.74
C11 JT3 B . 0.93 -13.34 -3.63
C12 JT3 B . 1.56 -12.26 -4.21
C14 JT3 B . -0.03 -8.76 -1.69
P1 JT3 B . 0.08 -7.14 -1.09
O1 JT3 B . -1.20 -6.76 -0.44
O2 JT3 B . 1.23 -7.06 -0.10
O3 JT3 B . 0.21 -6.14 -2.21
O4 JT3 B . 6.43 -12.49 -8.27
O5 JT3 B . -0.22 -11.80 -0.50
C16 JT3 B . -0.39 -13.92 0.67
C18 JT3 B . -2.52 -14.58 1.52
C19 JT3 B . -3.06 -13.41 1.04
F1 JT3 B . -2.81 -11.37 -0.11
F2 JT3 B . -4.37 -13.16 1.26
F3 JT3 B . -3.30 -15.45 2.18
F4 JT3 B . -0.66 -15.98 1.79
F5 JT3 B . 0.92 -14.21 0.48
O1 TEW C . -22.07 -6.71 -0.86
O2 TEW C . -19.73 -5.93 0.01
O3 TEW C . -20.41 -6.77 -2.79
O4 TEW C . -20.50 -8.25 0.65
O5 TEW C . -18.44 -8.06 -1.37
O6 TEW C . -20.91 -9.25 -1.77
O7 TEW C . -21.27 -4.44 -1.88
O8 TEW C . -23.08 -7.56 -3.34
O9 TEW C . -21.93 -5.37 -4.58
O10 TEW C . -23.67 -4.97 -2.54
O11 TEW C . -20.71 -3.53 0.84
O12 TEW C . -23.08 -4.04 -0.10
O13 TEW C . -21.72 -5.78 1.70
O14 TEW C . -19.52 -5.28 2.75
O15 TEW C . -18.17 -7.53 1.83
O16 TEW C . -20.43 -7.92 3.33
O17 TEW C . -22.17 -1.87 -1.09
O18 TEW C . -24.74 -2.50 -2.02
O19 TEW C . -22.59 -2.63 -3.73
O20 TEW C . -22.61 -3.12 2.46
O21 TEW C . -24.03 -1.40 0.95
O22 TEW C . -21.38 -0.79 1.30
O23 TEW C . -20.14 -2.71 3.55
O31 TEW C . -21.72 -4.82 4.45
TE1 TEW C . -21.44 -5.06 -0.06
W1 TEW C . -20.14 -7.81 -1.19
W2 TEW C . -22.20 -6.10 -3.04
W3 TEW C . -19.79 -7.02 1.99
W4 TEW C . -23.17 -3.17 -2.18
W5 TEW C . -22.43 -2.06 0.83
W6 TEW C . -21.05 -4.11 3.03
O1 TEW D . 17.26 -19.85 -25.08
O2 TEW D . 15.46 -20.19 -23.26
O3 TEW D . 15.08 -18.84 -25.79
O4 TEW D . 17.15 -18.42 -22.66
O5 TEW D . 14.64 -17.42 -23.53
O6 TEW D . 16.96 -16.96 -24.93
O7 TEW D . 15.45 -21.62 -25.75
O8 TEW D . 17.14 -18.65 -27.65
O9 TEW D . 14.88 -20.15 -28.23
O10 TEW D . 17.27 -21.37 -27.47
O11 TEW D . 15.94 -22.99 -23.22
O12 TEW D . 17.70 -22.75 -25.09
O13 TEW D . 17.75 -21.25 -22.65
O14 TEW D . 16.12 -21.52 -20.76
O15 TEW D . 15.28 -18.83 -20.67
O16 TEW D . 17.93 -19.42 -20.29
O17 TEW D . 15.94 -24.44 -25.78
O18 TEW D . 17.92 -24.04 -27.75
O19 TEW D . 15.32 -23.25 -28.17
O20 TEW D . 18.10 -24.13 -22.68
O21 TEW D . 18.29 -25.70 -24.89
O22 TEW D . 15.98 -25.88 -23.43
O23 TEW D . 16.28 -24.25 -20.60
O31 TEW D . 18.61 -22.75 -20.32
TE1 TEW D . 16.59 -21.45 -24.19
W1 TEW D . 16.02 -18.20 -24.20
W2 TEW D . 16.11 -19.90 -27.04
W3 TEW D . 16.58 -19.76 -21.32
W4 TEW D . 16.64 -23.12 -27.05
W5 TEW D . 17.01 -24.74 -24.19
W6 TEW D . 17.24 -22.99 -21.34
O1 TEW E . -16.92 -1.19 -16.71
O2 TEW E . -19.26 -2.30 -17.10
O3 TEW E . -16.84 -3.13 -18.24
O4 TEW E . -19.01 -0.03 -18.32
O5 TEW E . -18.76 -2.41 -19.94
O6 TEW E . -16.66 -0.66 -19.54
O7 TEW E . -17.46 -3.59 -15.65
O8 TEW E . -14.41 -2.15 -17.51
O9 TEW E . -15.08 -4.72 -16.79
O10 TEW E . -15.04 -2.59 -15.03
O11 TEW E . -19.45 -2.64 -14.22
O12 TEW E . -17.13 -1.64 -13.97
O13 TEW E . -19.34 -0.25 -15.53
O14 TEW E . -21.55 -1.44 -15.96
O15 TEW E . -21.45 -1.40 -18.75
O16 TEW E . -21.33 1.02 -17.40
O17 TEW E . -17.58 -3.90 -12.69
O18 TEW E . -15.04 -3.26 -12.54
O19 TEW E . -15.66 -5.27 -14.36
O20 TEW E . -19.57 -0.70 -12.77
O21 TEW E . -17.25 -1.49 -11.17
O22 TEW E . -19.61 -2.98 -11.24
O23 TEW E . -22.02 -2.03 -13.30
O31 TEW E . -21.68 0.60 -14.07
TE1 TEW E . -18.28 -1.84 -15.52
W1 TEW E . -17.89 -1.53 -18.71
W2 TEW E . -15.62 -3.09 -16.72
W3 TEW E . -20.66 -0.59 -17.45
W4 TEW E . -16.06 -3.65 -13.88
W5 TEW E . -18.42 -2.22 -12.22
W6 TEW E . -20.96 -0.96 -14.16
NA NA F . -25.35 12.34 -2.19
#